data_7UXQ
#
_entry.id   7UXQ
#
_cell.length_a   236.990
_cell.length_b   236.990
_cell.length_c   236.990
_cell.angle_alpha   90.000
_cell.angle_beta   90.000
_cell.angle_gamma   90.000
#
_symmetry.space_group_name_H-M   'F 41 3 2'
#
loop_
_entity.id
_entity.type
_entity.pdbx_description
1 polymer 'Programmed cell death 1 ligand 1'
2 polymer FP28135
3 non-polymer 1,2-ETHANEDIOL
4 non-polymer "N,N'-(1,4-phenylene)diacetamide"
5 water water
#
loop_
_entity_poly.entity_id
_entity_poly.type
_entity_poly.pdbx_seq_one_letter_code
_entity_poly.pdbx_strand_id
1 'polypeptide(L)'
;MAFTVTVPKDLYVVEYGSNMTIECKFPVEKQLDLAALIVYWEMEDKNIIQFVHGEEDLKVQHSSYRQRARLLKDQLSLGN
AALQITDVKLQDAGVYRCMISYGGADYKRITVKVNAPYAAALEHHHHHH
;
A,B
2 'polypeptide(L)' (ACE)DPALWMCVFAARQCYES(NH2) C,D
#
loop_
_chem_comp.id
_chem_comp.type
_chem_comp.name
_chem_comp.formula
ACE non-polymer 'ACETYL GROUP' 'C2 H4 O'
EDO non-polymer 1,2-ETHANEDIOL 'C2 H6 O2'
NH2 non-polymer 'AMINO GROUP' 'H2 N'
WHL non-polymer N,N'-(1,4-phenylene)diacetamide 'C10 H12 N2 O2'
#
# COMPACT_ATOMS: atom_id res chain seq x y z
N ALA A 2 -16.65 12.01 -11.55
CA ALA A 2 -15.93 10.87 -12.11
C ALA A 2 -16.42 9.55 -11.51
N PHE A 3 -15.82 8.46 -11.94
CA PHE A 3 -15.99 7.19 -11.27
C PHE A 3 -15.37 7.29 -9.87
N THR A 4 -16.07 6.75 -8.88
CA THR A 4 -15.64 6.93 -7.48
C THR A 4 -16.00 5.70 -6.66
N VAL A 5 -14.99 5.09 -6.05
CA VAL A 5 -15.14 4.06 -5.04
C VAL A 5 -15.21 4.72 -3.67
N THR A 6 -16.14 4.26 -2.82
CA THR A 6 -16.23 4.77 -1.45
C THR A 6 -16.31 3.60 -0.48
N VAL A 7 -16.00 3.88 0.78
CA VAL A 7 -15.96 2.88 1.83
C VAL A 7 -16.92 3.31 2.94
N PRO A 8 -17.93 2.52 3.27
CA PRO A 8 -18.79 2.89 4.41
C PRO A 8 -18.00 3.10 5.70
N LYS A 9 -16.91 2.37 5.86
CA LYS A 9 -16.08 2.51 7.05
C LYS A 9 -14.67 2.07 6.71
N ASP A 10 -13.69 2.83 7.19
CA ASP A 10 -12.29 2.68 6.86
C ASP A 10 -11.47 2.04 7.98
N LEU A 11 -12.14 1.51 8.99
CA LEU A 11 -11.46 0.86 10.10
C LEU A 11 -12.39 -0.22 10.64
N TYR A 12 -11.96 -1.47 10.53
CA TYR A 12 -12.66 -2.60 11.13
C TYR A 12 -11.81 -3.12 12.28
N VAL A 13 -12.44 -3.43 13.40
CA VAL A 13 -11.77 -4.10 14.52
C VAL A 13 -12.52 -5.39 14.80
N VAL A 14 -11.84 -6.54 14.63
CA VAL A 14 -12.48 -7.84 14.68
C VAL A 14 -11.71 -8.73 15.64
N GLU A 15 -12.39 -9.77 16.11
CA GLU A 15 -11.80 -10.64 17.12
C GLU A 15 -11.09 -11.79 16.40
N TYR A 16 -9.98 -12.26 16.97
CA TYR A 16 -9.31 -13.43 16.44
C TYR A 16 -10.31 -14.57 16.25
N GLY A 17 -10.35 -15.12 15.04
CA GLY A 17 -11.13 -16.30 14.76
C GLY A 17 -12.55 -16.06 14.29
N SER A 18 -13.00 -14.81 14.25
CA SER A 18 -14.32 -14.52 13.72
C SER A 18 -14.28 -14.47 12.19
N ASN A 19 -15.43 -14.16 11.59
CA ASN A 19 -15.51 -13.87 10.17
C ASN A 19 -15.72 -12.39 9.99
N MET A 20 -15.11 -11.83 8.95
CA MET A 20 -15.21 -10.41 8.67
C MET A 20 -15.59 -10.18 7.21
N THR A 21 -16.32 -9.09 6.98
CA THR A 21 -16.68 -8.66 5.64
C THR A 21 -16.43 -7.16 5.54
N ILE A 22 -15.45 -6.77 4.72
CA ILE A 22 -15.14 -5.35 4.48
C ILE A 22 -15.62 -5.00 3.08
N GLU A 23 -16.00 -3.72 2.89
CA GLU A 23 -16.83 -3.30 1.78
C GLU A 23 -16.25 -2.12 1.03
N CYS A 24 -16.42 -2.14 -0.30
CA CYS A 24 -16.18 -1.03 -1.21
C CYS A 24 -17.40 -0.84 -2.09
N LYS A 25 -17.84 0.40 -2.22
CA LYS A 25 -19.01 0.70 -3.03
C LYS A 25 -18.57 1.40 -4.30
N PHE A 26 -19.28 1.13 -5.38
CA PHE A 26 -19.04 1.78 -6.66
C PHE A 26 -20.33 1.87 -7.39
N PRO A 27 -20.47 2.76 -8.39
CA PRO A 27 -21.75 3.05 -9.01
C PRO A 27 -22.11 2.01 -10.07
N VAL A 28 -23.28 1.37 -9.89
CA VAL A 28 -23.83 0.43 -10.85
C VAL A 28 -25.23 0.90 -11.16
N GLU A 29 -25.57 0.95 -12.45
CA GLU A 29 -26.90 1.38 -12.88
C GLU A 29 -27.71 0.20 -13.41
N LYS A 30 -28.95 0.09 -12.95
CA LYS A 30 -29.85 -0.98 -13.39
C LYS A 30 -29.22 -2.37 -13.29
N GLN A 31 -28.63 -2.82 -14.39
CA GLN A 31 -28.00 -4.14 -14.44
C GLN A 31 -26.48 -4.06 -14.56
N LEU A 32 -25.78 -4.99 -13.93
CA LEU A 32 -24.32 -5.04 -13.98
C LEU A 32 -23.84 -5.65 -15.30
N ASP A 33 -22.66 -5.22 -15.74
CA ASP A 33 -22.10 -5.73 -16.99
C ASP A 33 -20.73 -6.34 -16.68
N LEU A 34 -20.72 -7.66 -16.51
CA LEU A 34 -19.49 -8.36 -16.13
C LEU A 34 -18.35 -8.13 -17.12
N ALA A 35 -18.67 -7.87 -18.39
CA ALA A 35 -17.62 -7.62 -19.38
C ALA A 35 -16.72 -6.48 -18.96
N ALA A 36 -17.27 -5.46 -18.30
CA ALA A 36 -16.53 -4.25 -17.96
C ALA A 36 -15.91 -4.27 -16.57
N LEU A 37 -16.27 -5.23 -15.71
CA LEU A 37 -15.95 -5.17 -14.29
C LEU A 37 -14.65 -5.88 -13.97
N ILE A 38 -13.78 -5.19 -13.22
CA ILE A 38 -12.57 -5.78 -12.65
C ILE A 38 -12.47 -5.35 -11.19
N VAL A 39 -12.27 -6.31 -10.30
CA VAL A 39 -12.18 -6.05 -8.87
C VAL A 39 -10.87 -6.65 -8.35
N TYR A 40 -10.10 -5.85 -7.61
CA TYR A 40 -8.91 -6.33 -6.93
C TYR A 40 -9.00 -6.07 -5.43
N TRP A 41 -8.52 -7.02 -4.64
CA TRP A 41 -8.27 -6.80 -3.23
C TRP A 41 -6.85 -7.20 -2.91
N GLU A 42 -6.08 -6.25 -2.41
CA GLU A 42 -4.84 -6.49 -1.70
C GLU A 42 -4.92 -6.02 -0.28
N MET A 43 -3.93 -6.48 0.48
CA MET A 43 -3.55 -5.99 1.79
C MET A 43 -2.05 -6.17 1.88
N GLU A 44 -1.37 -5.17 2.43
CA GLU A 44 0.09 -5.12 2.53
C GLU A 44 0.73 -5.54 1.21
N ASP A 45 1.49 -6.63 1.23
CA ASP A 45 2.16 -7.12 0.03
C ASP A 45 1.67 -8.51 -0.35
N LYS A 46 0.35 -8.68 -0.39
CA LYS A 46 -0.25 -9.97 -0.73
C LYS A 46 -1.51 -9.79 -1.56
N ASN A 47 -1.67 -10.64 -2.58
CA ASN A 47 -2.83 -10.59 -3.45
C ASN A 47 -3.99 -11.41 -2.88
N ILE A 48 -5.13 -10.75 -2.65
CA ILE A 48 -6.29 -11.42 -2.09
C ILE A 48 -7.26 -11.83 -3.19
N ILE A 49 -7.69 -10.88 -4.02
CA ILE A 49 -8.76 -11.11 -5.00
C ILE A 49 -8.36 -10.49 -6.34
N GLN A 50 -8.48 -11.27 -7.41
CA GLN A 50 -8.42 -10.74 -8.78
C GLN A 50 -9.64 -11.24 -9.54
N PHE A 51 -10.67 -10.41 -9.61
CA PHE A 51 -11.93 -10.75 -10.26
C PHE A 51 -11.93 -10.01 -11.60
N VAL A 52 -11.71 -10.77 -12.67
CA VAL A 52 -11.69 -10.21 -14.02
C VAL A 52 -12.72 -10.88 -14.91
N HIS A 53 -13.71 -10.10 -15.35
CA HIS A 53 -14.77 -10.58 -16.22
C HIS A 53 -15.45 -11.86 -15.74
N GLY A 54 -16.16 -11.76 -14.62
CA GLY A 54 -16.89 -12.88 -14.05
C GLY A 54 -16.09 -14.06 -13.54
N GLU A 55 -14.77 -14.01 -13.68
CA GLU A 55 -13.93 -15.10 -13.22
C GLU A 55 -12.79 -14.63 -12.33
N GLU A 56 -12.65 -15.37 -11.24
CA GLU A 56 -11.78 -15.11 -10.10
C GLU A 56 -10.65 -16.14 -10.14
N ASP A 57 -9.44 -15.68 -10.47
CA ASP A 57 -8.32 -16.58 -10.74
C ASP A 57 -7.71 -17.05 -9.43
N LEU A 58 -8.02 -18.29 -9.04
CA LEU A 58 -7.64 -18.74 -7.71
C LEU A 58 -6.14 -18.85 -7.58
N LYS A 59 -5.42 -18.85 -8.69
CA LYS A 59 -3.97 -19.04 -8.69
C LYS A 59 -3.23 -17.80 -8.21
N VAL A 60 -3.74 -16.59 -8.52
CA VAL A 60 -3.03 -15.38 -8.14
C VAL A 60 -3.17 -15.08 -6.66
N GLN A 61 -4.16 -15.69 -6.00
CA GLN A 61 -4.38 -15.47 -4.58
C GLN A 61 -3.18 -15.92 -3.76
N HIS A 62 -2.73 -15.07 -2.84
CA HIS A 62 -1.67 -15.48 -1.94
C HIS A 62 -2.14 -16.65 -1.10
N SER A 63 -1.20 -17.54 -0.76
CA SER A 63 -1.56 -18.84 -0.21
C SER A 63 -2.30 -18.74 1.11
N SER A 64 -1.97 -17.75 1.94
CA SER A 64 -2.57 -17.64 3.27
C SER A 64 -4.05 -17.29 3.21
N TYR A 65 -4.54 -16.83 2.06
CA TYR A 65 -5.94 -16.49 1.91
C TYR A 65 -6.73 -17.54 1.14
N ARG A 66 -6.17 -18.74 0.97
CA ARG A 66 -6.76 -19.75 0.09
C ARG A 66 -7.81 -20.56 0.83
N GLN A 67 -8.99 -20.68 0.21
CA GLN A 67 -10.22 -21.26 0.76
C GLN A 67 -10.79 -20.43 1.90
N ARG A 68 -10.20 -19.29 2.21
CA ARG A 68 -10.52 -18.57 3.43
C ARG A 68 -10.99 -17.14 3.16
N ALA A 69 -10.74 -16.60 1.96
CA ALA A 69 -11.18 -15.26 1.58
C ALA A 69 -11.81 -15.33 0.20
N ARG A 70 -13.06 -14.87 0.09
CA ARG A 70 -13.74 -14.84 -1.20
C ARG A 70 -14.49 -13.53 -1.35
N LEU A 71 -14.88 -13.25 -2.58
CA LEU A 71 -15.62 -12.04 -2.91
C LEU A 71 -17.09 -12.41 -3.04
N LEU A 72 -17.96 -11.62 -2.41
CA LEU A 72 -19.40 -11.90 -2.45
C LEU A 72 -19.95 -11.44 -3.79
N LYS A 73 -20.43 -12.41 -4.57
CA LYS A 73 -20.79 -12.14 -5.96
C LYS A 73 -22.09 -11.36 -6.07
N ASP A 74 -23.17 -11.85 -5.46
CA ASP A 74 -24.46 -11.19 -5.65
C ASP A 74 -24.44 -9.77 -5.11
N GLN A 75 -23.59 -9.51 -4.11
CA GLN A 75 -23.38 -8.15 -3.65
C GLN A 75 -22.84 -7.24 -4.75
N LEU A 76 -22.15 -7.82 -5.74
CA LEU A 76 -21.56 -7.03 -6.81
C LEU A 76 -22.62 -6.32 -7.63
N SER A 77 -23.78 -6.96 -7.82
CA SER A 77 -24.84 -6.34 -8.61
C SER A 77 -25.41 -5.10 -7.95
N LEU A 78 -25.10 -4.85 -6.69
CA LEU A 78 -25.48 -3.63 -6.00
C LEU A 78 -24.37 -2.59 -6.00
N GLY A 79 -23.26 -2.86 -6.67
CA GLY A 79 -22.12 -1.97 -6.58
C GLY A 79 -21.41 -2.07 -5.25
N ASN A 80 -21.47 -3.23 -4.62
CA ASN A 80 -20.79 -3.49 -3.36
C ASN A 80 -19.81 -4.64 -3.57
N ALA A 81 -18.51 -4.32 -3.60
CA ALA A 81 -17.46 -5.33 -3.70
C ALA A 81 -17.07 -5.74 -2.28
N ALA A 82 -17.72 -6.78 -1.77
CA ALA A 82 -17.57 -7.21 -0.38
C ALA A 82 -16.57 -8.36 -0.27
N LEU A 83 -15.41 -8.09 0.32
CA LEU A 83 -14.44 -9.12 0.63
C LEU A 83 -14.77 -9.79 1.96
N GLN A 84 -14.86 -11.13 1.96
CA GLN A 84 -15.15 -11.87 3.17
C GLN A 84 -14.01 -12.85 3.51
N ILE A 85 -13.29 -12.55 4.60
CA ILE A 85 -12.34 -13.48 5.21
C ILE A 85 -13.03 -14.22 6.34
N THR A 86 -12.77 -15.51 6.44
CA THR A 86 -13.31 -16.35 7.50
C THR A 86 -12.18 -16.81 8.43
N ASP A 87 -12.51 -17.00 9.71
CA ASP A 87 -11.55 -17.39 10.75
C ASP A 87 -10.30 -16.53 10.64
N VAL A 88 -10.39 -15.26 11.06
CA VAL A 88 -9.32 -14.31 10.83
C VAL A 88 -8.15 -14.62 11.75
N LYS A 89 -6.94 -14.48 11.21
CA LYS A 89 -5.70 -14.64 11.95
C LYS A 89 -5.15 -13.28 12.36
N LEU A 90 -4.10 -13.29 13.18
CA LEU A 90 -3.42 -12.04 13.53
C LEU A 90 -2.77 -11.40 12.30
N GLN A 91 -2.20 -12.22 11.42
CA GLN A 91 -1.54 -11.77 10.20
C GLN A 91 -2.52 -11.28 9.13
N ASP A 92 -3.80 -11.15 9.48
CA ASP A 92 -4.78 -10.45 8.66
C ASP A 92 -4.93 -8.99 9.04
N ALA A 93 -4.34 -8.56 10.14
CA ALA A 93 -4.34 -7.15 10.48
C ALA A 93 -3.45 -6.38 9.51
N GLY A 94 -3.85 -5.16 9.18
CA GLY A 94 -3.05 -4.31 8.31
C GLY A 94 -3.93 -3.50 7.38
N VAL A 95 -3.29 -2.88 6.39
CA VAL A 95 -3.97 -1.96 5.47
C VAL A 95 -4.41 -2.75 4.23
N TYR A 96 -5.72 -2.91 4.07
CA TYR A 96 -6.31 -3.48 2.87
C TYR A 96 -6.55 -2.38 1.83
N ARG A 97 -6.68 -2.79 0.58
CA ARG A 97 -6.99 -1.83 -0.48
C ARG A 97 -7.81 -2.53 -1.55
N CYS A 98 -8.90 -1.91 -1.97
CA CYS A 98 -9.72 -2.41 -3.06
C CYS A 98 -9.55 -1.49 -4.25
N MET A 99 -9.30 -2.09 -5.41
CA MET A 99 -9.22 -1.33 -6.64
C MET A 99 -10.34 -1.84 -7.54
N ILE A 100 -11.08 -0.93 -8.16
CA ILE A 100 -12.23 -1.31 -8.94
C ILE A 100 -12.21 -0.57 -10.27
N SER A 101 -12.46 -1.31 -11.35
CA SER A 101 -12.63 -0.74 -12.68
C SER A 101 -13.99 -1.15 -13.20
N TYR A 102 -14.83 -0.16 -13.53
CA TYR A 102 -16.18 -0.39 -14.09
C TYR A 102 -16.57 0.89 -14.83
N GLY A 103 -15.97 1.07 -16.00
CA GLY A 103 -15.98 2.35 -16.67
C GLY A 103 -14.71 3.10 -16.31
N GLY A 104 -14.77 3.92 -15.27
CA GLY A 104 -13.59 4.51 -14.70
C GLY A 104 -12.90 3.54 -13.76
N ALA A 105 -11.96 4.06 -12.99
CA ALA A 105 -11.25 3.25 -12.02
C ALA A 105 -10.84 4.10 -10.84
N ASP A 106 -10.94 3.53 -9.64
CA ASP A 106 -10.62 4.23 -8.41
C ASP A 106 -10.31 3.18 -7.36
N TYR A 107 -9.79 3.64 -6.21
CA TYR A 107 -9.52 2.74 -5.09
C TYR A 107 -9.68 3.49 -3.77
N LYS A 108 -9.68 2.73 -2.68
CA LYS A 108 -9.72 3.23 -1.32
C LYS A 108 -9.03 2.22 -0.41
N ARG A 109 -8.54 2.71 0.73
CA ARG A 109 -7.86 1.87 1.71
C ARG A 109 -8.68 1.70 2.98
N ILE A 110 -8.45 0.56 3.65
CA ILE A 110 -9.22 0.14 4.82
C ILE A 110 -8.23 -0.51 5.78
N THR A 111 -8.28 -0.10 7.05
CA THR A 111 -7.41 -0.67 8.06
C THR A 111 -8.19 -1.73 8.83
N VAL A 112 -7.55 -2.87 9.04
CA VAL A 112 -8.17 -3.98 9.77
C VAL A 112 -7.26 -4.48 10.88
N LYS A 113 -7.78 -4.51 12.11
CA LYS A 113 -7.02 -4.96 13.25
C LYS A 113 -7.61 -6.23 13.86
N VAL A 114 -6.74 -7.16 14.25
CA VAL A 114 -7.18 -8.41 14.84
C VAL A 114 -6.67 -8.56 16.27
N ASN A 115 -7.55 -8.29 17.23
CA ASN A 115 -7.19 -8.38 18.65
C ASN A 115 -7.66 -9.70 19.27
N ALA A 116 -7.06 -10.06 20.39
CA ALA A 116 -7.41 -11.29 21.09
C ALA A 116 -8.71 -11.11 21.87
N PRO A 117 -9.35 -12.21 22.24
CA PRO A 117 -10.62 -12.16 22.99
C PRO A 117 -10.39 -11.70 24.42
N TYR A 118 -11.46 -11.20 25.02
CA TYR A 118 -11.37 -10.73 26.40
C TYR A 118 -10.82 -11.82 27.31
N ALA A 119 -11.18 -13.08 27.03
CA ALA A 119 -10.69 -14.18 27.86
C ALA A 119 -9.17 -14.30 27.83
N ALA A 120 -8.52 -13.82 26.78
CA ALA A 120 -7.06 -13.85 26.73
C ALA A 120 -6.44 -12.72 27.55
N ALA A 121 -7.14 -11.62 27.63
CA ALA A 121 -6.65 -10.59 28.47
C ALA A 121 -6.82 -11.00 29.87
N LEU A 122 -7.81 -11.83 30.14
CA LEU A 122 -8.13 -12.31 31.46
C LEU A 122 -7.13 -13.24 32.02
N GLU A 123 -6.65 -14.14 31.19
CA GLU A 123 -5.65 -15.06 31.60
C GLU A 123 -4.45 -14.22 31.93
N HIS A 124 -4.06 -13.32 31.07
CA HIS A 124 -2.93 -12.43 31.32
C HIS A 124 -2.99 -11.50 32.50
N HIS A 125 -4.18 -11.24 33.04
CA HIS A 125 -4.32 -10.43 34.23
C HIS A 125 -4.28 -11.31 35.45
N HIS A 126 -4.28 -12.62 35.25
CA HIS A 126 -4.15 -13.54 36.37
C HIS A 126 -2.69 -13.89 36.66
N HIS A 127 -1.80 -13.27 35.88
CA HIS A 127 -0.40 -13.20 36.06
C HIS A 127 -0.14 -11.83 36.78
N HIS A 128 -1.19 -11.04 37.08
CA HIS A 128 -1.04 -9.78 37.78
C HIS A 128 -1.53 -9.94 39.21
N ALA B 2 13.40 -7.46 16.35
CA ALA B 2 13.53 -6.17 17.01
C ALA B 2 13.66 -5.06 15.96
N PHE B 3 14.02 -5.45 14.74
CA PHE B 3 14.21 -4.48 13.66
C PHE B 3 12.90 -3.78 13.32
N THR B 4 12.78 -2.51 13.71
CA THR B 4 11.58 -1.74 13.41
C THR B 4 11.95 -0.36 12.86
N VAL B 5 11.36 -0.03 11.71
CA VAL B 5 11.41 1.33 11.20
C VAL B 5 10.40 2.17 11.95
N THR B 6 10.74 3.43 12.25
CA THR B 6 9.80 4.34 12.91
C THR B 6 9.72 5.64 12.13
N VAL B 7 8.62 6.37 12.33
CA VAL B 7 8.40 7.65 11.68
C VAL B 7 8.20 8.72 12.75
N PRO B 8 9.02 9.77 12.79
CA PRO B 8 8.76 10.90 13.69
C PRO B 8 7.33 11.41 13.57
N LYS B 9 6.86 11.65 12.35
CA LYS B 9 5.46 11.96 12.15
C LYS B 9 4.97 11.26 10.89
N ASP B 10 3.67 10.92 10.89
CA ASP B 10 3.04 10.16 9.83
C ASP B 10 2.08 11.01 9.01
N LEU B 11 2.05 12.33 9.24
CA LEU B 11 1.20 13.23 8.47
C LEU B 11 1.98 14.51 8.22
N TYR B 12 2.18 14.83 6.95
CA TYR B 12 2.83 16.08 6.53
C TYR B 12 1.83 16.89 5.73
N VAL B 13 1.75 18.19 6.01
CA VAL B 13 0.97 19.13 5.22
C VAL B 13 1.94 20.17 4.68
N VAL B 14 1.98 20.33 3.36
CA VAL B 14 2.99 21.14 2.69
C VAL B 14 2.31 22.05 1.69
N GLU B 15 2.99 23.14 1.34
CA GLU B 15 2.47 24.12 0.40
C GLU B 15 2.96 23.83 -1.01
N TYR B 16 2.13 24.20 -1.99
CA TYR B 16 2.53 24.03 -3.38
C TYR B 16 3.80 24.81 -3.66
N GLY B 17 4.77 24.14 -4.31
CA GLY B 17 6.01 24.76 -4.72
C GLY B 17 7.10 24.76 -3.68
N SER B 18 6.79 24.41 -2.42
CA SER B 18 7.80 24.27 -1.40
C SER B 18 8.59 22.98 -1.59
N ASN B 19 9.57 22.75 -0.72
CA ASN B 19 10.31 21.50 -0.69
C ASN B 19 9.91 20.71 0.54
N MET B 20 9.83 19.39 0.38
CA MET B 20 9.30 18.48 1.38
C MET B 20 10.40 17.50 1.79
N THR B 21 10.45 17.16 3.08
CA THR B 21 11.38 16.13 3.55
C THR B 21 10.64 15.26 4.55
N ILE B 22 10.40 14.00 4.19
CA ILE B 22 9.74 13.05 5.09
C ILE B 22 10.74 11.98 5.48
N GLU B 23 10.70 11.57 6.75
CA GLU B 23 11.79 10.84 7.38
C GLU B 23 11.33 9.49 7.89
N CYS B 24 12.13 8.47 7.59
CA CYS B 24 12.02 7.15 8.18
C CYS B 24 13.31 6.82 8.91
N LYS B 25 13.19 6.36 10.16
CA LYS B 25 14.34 6.03 10.99
C LYS B 25 14.51 4.52 11.07
N PHE B 26 15.75 4.09 11.19
CA PHE B 26 16.08 2.68 11.43
C PHE B 26 17.30 2.60 12.31
N PRO B 27 17.57 1.47 12.87
CA PRO B 27 18.70 1.36 13.75
C PRO B 27 20.09 1.15 13.23
N VAL B 28 21.00 2.00 13.64
CA VAL B 28 22.37 1.85 13.25
C VAL B 28 23.21 1.88 14.50
N GLU B 29 23.94 0.81 14.75
CA GLU B 29 24.71 0.75 15.97
C GLU B 29 26.17 0.88 15.76
N LYS B 30 26.55 0.58 14.55
CA LYS B 30 27.91 0.51 14.10
C LYS B 30 28.19 1.55 13.04
N GLN B 31 28.78 1.13 11.95
CA GLN B 31 29.09 2.00 10.86
C GLN B 31 28.01 1.80 9.84
N LEU B 32 28.32 1.36 8.65
CA LEU B 32 27.27 1.20 7.68
C LEU B 32 27.54 0.25 6.59
N ASP B 33 27.05 -0.95 6.70
CA ASP B 33 27.30 -1.90 5.63
C ASP B 33 26.44 -1.55 4.43
N LEU B 34 26.90 -0.59 3.62
CA LEU B 34 26.17 -0.09 2.46
C LEU B 34 25.91 -1.17 1.42
N ALA B 35 26.42 -2.39 1.62
CA ALA B 35 26.01 -3.54 0.82
C ALA B 35 24.73 -4.15 1.34
N ALA B 36 24.60 -4.26 2.67
CA ALA B 36 23.39 -4.82 3.28
C ALA B 36 22.22 -3.85 3.20
N LEU B 37 22.48 -2.55 3.22
CA LEU B 37 21.41 -1.56 3.30
C LEU B 37 20.66 -1.48 1.97
N ILE B 38 19.34 -1.65 2.03
CA ILE B 38 18.43 -1.35 0.94
C ILE B 38 17.35 -0.40 1.45
N VAL B 39 16.95 0.56 0.62
CA VAL B 39 15.91 1.52 0.98
C VAL B 39 14.99 1.71 -0.22
N TYR B 40 13.68 1.53 -0.01
CA TYR B 40 12.67 1.85 -1.01
C TYR B 40 11.73 2.94 -0.50
N TRP B 41 11.37 3.88 -1.37
CA TRP B 41 10.25 4.77 -1.15
C TRP B 41 9.28 4.60 -2.32
N GLU B 42 8.01 4.38 -2.01
CA GLU B 42 6.97 4.28 -3.01
C GLU B 42 5.82 5.19 -2.61
N MET B 43 4.94 5.48 -3.56
CA MET B 43 3.76 6.29 -3.26
C MET B 43 2.69 6.00 -4.30
N GLU B 44 1.55 5.51 -3.84
CA GLU B 44 0.33 5.39 -4.63
C GLU B 44 0.62 4.86 -6.03
N ASP B 45 1.11 3.62 -6.08
CA ASP B 45 1.38 2.92 -7.33
C ASP B 45 2.57 3.47 -8.12
N LYS B 46 3.43 4.30 -7.51
CA LYS B 46 4.56 4.90 -8.21
C LYS B 46 5.88 4.67 -7.46
N ASN B 47 6.92 4.25 -8.18
CA ASN B 47 8.25 4.14 -7.58
C ASN B 47 8.84 5.52 -7.38
N ILE B 48 9.46 5.75 -6.22
CA ILE B 48 10.18 6.99 -5.94
C ILE B 48 11.67 6.75 -5.77
N ILE B 49 12.04 5.83 -4.90
CA ILE B 49 13.45 5.64 -4.56
C ILE B 49 13.78 4.15 -4.49
N GLN B 50 14.91 3.78 -5.09
CA GLN B 50 15.49 2.45 -4.94
C GLN B 50 16.98 2.64 -4.64
N PHE B 51 17.35 2.61 -3.37
CA PHE B 51 18.73 2.75 -2.93
C PHE B 51 19.26 1.37 -2.59
N VAL B 52 20.11 0.83 -3.45
CA VAL B 52 20.70 -0.49 -3.28
C VAL B 52 22.19 -0.43 -3.65
N HIS B 53 23.04 -0.93 -2.75
CA HIS B 53 24.50 -0.92 -2.94
C HIS B 53 25.04 0.52 -3.09
N GLY B 54 24.51 1.44 -2.30
CA GLY B 54 25.05 2.79 -2.25
C GLY B 54 24.66 3.71 -3.40
N GLU B 55 24.20 3.17 -4.54
CA GLU B 55 23.67 3.98 -5.63
C GLU B 55 22.16 4.17 -5.49
N GLU B 56 21.69 5.36 -5.83
CA GLU B 56 20.30 5.55 -6.19
C GLU B 56 20.12 5.09 -7.64
N ASP B 57 19.14 4.22 -7.89
CA ASP B 57 18.84 3.77 -9.25
C ASP B 57 17.90 4.80 -9.86
N LEU B 58 18.43 5.66 -10.71
CA LEU B 58 17.64 6.73 -11.29
C LEU B 58 16.68 6.25 -12.37
N LYS B 59 16.77 5.06 -12.87
CA LYS B 59 15.89 4.67 -13.95
C LYS B 59 14.67 3.99 -13.51
N VAL B 60 14.73 3.37 -12.38
CA VAL B 60 13.54 2.72 -11.86
C VAL B 60 12.57 3.77 -11.30
N GLN B 61 13.04 5.00 -11.08
CA GLN B 61 12.21 6.07 -10.55
C GLN B 61 11.04 6.35 -11.47
N HIS B 62 9.87 6.63 -10.89
CA HIS B 62 8.75 7.03 -11.74
C HIS B 62 9.08 8.33 -12.43
N SER B 63 8.74 8.40 -13.72
CA SER B 63 9.16 9.52 -14.56
C SER B 63 8.65 10.87 -14.05
N SER B 64 7.61 10.89 -13.21
CA SER B 64 7.13 12.15 -12.66
C SER B 64 7.92 12.59 -11.43
N TYR B 65 9.05 11.94 -11.15
CA TYR B 65 9.84 12.21 -9.96
C TYR B 65 11.29 12.56 -10.22
N ARG B 66 11.72 12.59 -11.47
CA ARG B 66 13.13 12.72 -11.77
C ARG B 66 13.57 14.17 -11.64
N GLN B 67 14.78 14.35 -11.11
CA GLN B 67 15.35 15.63 -10.66
C GLN B 67 14.58 16.24 -9.50
N ARG B 68 13.41 15.70 -9.16
CA ARG B 68 12.61 16.26 -8.08
C ARG B 68 12.74 15.50 -6.77
N ALA B 69 12.92 14.18 -6.82
CA ALA B 69 12.99 13.33 -5.64
C ALA B 69 14.39 12.77 -5.46
N ARG B 70 14.74 12.44 -4.22
CA ARG B 70 16.14 12.30 -3.83
C ARG B 70 16.28 11.87 -2.36
N LEU B 71 17.05 10.80 -2.09
CA LEU B 71 17.49 10.58 -0.71
C LEU B 71 18.64 11.49 -0.31
N LEU B 72 18.51 12.02 0.90
CA LEU B 72 19.62 12.61 1.63
C LEU B 72 20.48 11.47 2.13
N LYS B 73 21.50 11.11 1.34
CA LYS B 73 22.35 9.97 1.65
C LYS B 73 23.19 10.20 2.91
N ASP B 74 23.48 11.46 3.24
CA ASP B 74 24.23 11.80 4.44
C ASP B 74 23.50 11.45 5.73
N GLN B 75 22.18 11.30 5.67
CA GLN B 75 21.40 10.94 6.87
C GLN B 75 21.48 9.45 7.17
N LEU B 76 21.72 8.63 6.14
CA LEU B 76 21.79 7.18 6.33
C LEU B 76 22.79 6.80 7.41
N SER B 77 23.87 7.59 7.56
CA SER B 77 24.84 7.37 8.63
C SER B 77 24.16 7.34 9.99
N LEU B 78 23.15 8.19 10.19
CA LEU B 78 22.47 8.33 11.48
C LEU B 78 21.21 7.50 11.57
N GLY B 79 21.03 6.54 10.66
CA GLY B 79 19.81 5.76 10.65
C GLY B 79 18.60 6.56 10.23
N ASN B 80 18.75 7.42 9.22
CA ASN B 80 17.68 8.26 8.74
C ASN B 80 17.59 8.16 7.23
N ALA B 81 16.48 7.62 6.73
CA ALA B 81 16.17 7.60 5.31
C ALA B 81 15.24 8.77 5.04
N ALA B 82 15.82 9.89 4.62
CA ALA B 82 15.07 11.11 4.39
C ALA B 82 14.82 11.24 2.89
N LEU B 83 13.54 11.14 2.50
CA LEU B 83 13.14 11.46 1.15
C LEU B 83 12.89 12.95 1.06
N GLN B 84 13.53 13.59 0.09
CA GLN B 84 13.36 15.02 -0.14
C GLN B 84 12.82 15.21 -1.54
N ILE B 85 11.63 15.81 -1.63
CA ILE B 85 10.99 16.13 -2.89
C ILE B 85 10.98 17.64 -3.00
N THR B 86 11.54 18.16 -4.09
CA THR B 86 11.62 19.60 -4.30
C THR B 86 10.43 20.03 -5.15
N ASP B 87 9.91 21.23 -4.88
CA ASP B 87 8.86 21.80 -5.73
C ASP B 87 7.62 20.90 -5.70
N VAL B 88 6.97 20.87 -4.54
CA VAL B 88 5.84 19.96 -4.35
C VAL B 88 4.68 20.39 -5.25
N LYS B 89 4.00 19.41 -5.83
CA LYS B 89 2.83 19.63 -6.67
C LYS B 89 1.65 18.95 -6.02
N LEU B 90 0.44 19.33 -6.43
CA LEU B 90 -0.76 18.64 -5.95
C LEU B 90 -0.73 17.15 -6.27
N GLN B 91 0.20 16.71 -7.10
CA GLN B 91 0.20 15.32 -7.54
C GLN B 91 0.91 14.45 -6.53
N ASP B 92 1.58 15.08 -5.57
CA ASP B 92 2.39 14.45 -4.54
C ASP B 92 1.60 14.13 -3.29
N ALA B 93 0.32 14.49 -3.28
CA ALA B 93 -0.54 14.20 -2.13
C ALA B 93 -0.99 12.74 -2.20
N GLY B 94 -0.67 11.99 -1.15
CA GLY B 94 -1.12 10.61 -1.08
C GLY B 94 -0.45 9.89 0.07
N VAL B 95 -0.41 8.56 -0.04
CA VAL B 95 0.13 7.69 1.00
C VAL B 95 1.50 7.18 0.54
N TYR B 96 2.54 7.61 1.23
CA TYR B 96 3.90 7.16 0.99
C TYR B 96 4.23 5.96 1.86
N ARG B 97 5.16 5.13 1.39
CA ARG B 97 5.65 4.02 2.20
C ARG B 97 7.16 3.90 2.02
N CYS B 98 7.89 3.89 3.14
CA CYS B 98 9.32 3.59 3.11
C CYS B 98 9.53 2.15 3.55
N MET B 99 10.32 1.42 2.76
CA MET B 99 10.67 0.04 3.07
C MET B 99 12.17 -0.02 3.23
N ILE B 100 12.64 -0.58 4.33
CA ILE B 100 14.06 -0.61 4.64
C ILE B 100 14.47 -2.02 5.00
N SER B 101 15.65 -2.42 4.52
CA SER B 101 16.26 -3.70 4.85
C SER B 101 17.70 -3.41 5.28
N TYR B 102 17.97 -3.57 6.57
CA TYR B 102 19.33 -3.46 7.12
C TYR B 102 19.47 -4.63 8.08
N GLY B 103 19.80 -5.80 7.54
CA GLY B 103 19.67 -7.02 8.30
C GLY B 103 18.21 -7.44 8.37
N GLY B 104 17.42 -6.71 9.16
CA GLY B 104 15.99 -6.96 9.24
C GLY B 104 15.25 -6.33 8.08
N ALA B 105 13.94 -6.19 8.24
CA ALA B 105 13.12 -5.55 7.24
C ALA B 105 11.83 -5.06 7.90
N ASP B 106 11.54 -3.77 7.77
CA ASP B 106 10.28 -3.21 8.24
C ASP B 106 9.84 -2.12 7.26
N TYR B 107 8.69 -1.52 7.53
CA TYR B 107 8.20 -0.40 6.77
C TYR B 107 7.17 0.36 7.59
N LYS B 108 7.06 1.66 7.33
CA LYS B 108 5.99 2.48 7.86
C LYS B 108 5.37 3.28 6.73
N ARG B 109 4.16 3.78 6.97
CA ARG B 109 3.44 4.60 6.00
C ARG B 109 3.31 6.03 6.50
N ILE B 110 3.28 6.97 5.55
CA ILE B 110 3.19 8.39 5.83
C ILE B 110 2.17 9.00 4.88
N THR B 111 1.32 9.87 5.40
CA THR B 111 0.34 10.58 4.58
C THR B 111 0.85 12.00 4.33
N VAL B 112 0.64 12.50 3.12
CA VAL B 112 1.06 13.84 2.72
C VAL B 112 -0.13 14.56 2.11
N LYS B 113 -0.44 15.74 2.64
CA LYS B 113 -1.45 16.59 2.05
C LYS B 113 -0.78 17.85 1.52
N VAL B 114 -1.25 18.33 0.36
CA VAL B 114 -0.65 19.47 -0.33
C VAL B 114 -1.73 20.52 -0.57
N ASN B 115 -1.45 21.76 -0.15
CA ASN B 115 -2.35 22.88 -0.39
C ASN B 115 -2.11 23.51 -1.76
N ALA B 116 -3.20 23.86 -2.44
CA ALA B 116 -3.11 24.53 -3.73
C ALA B 116 -2.52 25.93 -3.59
N PRO B 117 -2.04 26.52 -4.68
CA PRO B 117 -1.62 27.93 -4.63
C PRO B 117 -2.78 28.85 -4.27
N TYR B 118 -2.46 29.87 -3.46
CA TYR B 118 -3.43 30.84 -2.93
C TYR B 118 -4.44 31.31 -3.97
N ALA B 119 -4.00 31.40 -5.24
CA ALA B 119 -4.91 31.78 -6.31
C ALA B 119 -5.94 30.70 -6.59
N ALA B 120 -5.51 29.43 -6.62
CA ALA B 120 -6.39 28.30 -6.91
C ALA B 120 -7.14 27.80 -5.68
N ALA B 121 -6.78 28.27 -4.47
CA ALA B 121 -7.49 27.87 -3.26
C ALA B 121 -8.82 28.62 -3.10
N LEU B 122 -8.88 29.87 -3.57
CA LEU B 122 -10.14 30.63 -3.58
C LEU B 122 -11.15 30.06 -4.57
N GLU B 123 -10.74 29.18 -5.48
CA GLU B 123 -11.60 28.60 -6.50
C GLU B 123 -12.27 27.31 -6.04
N HIS B 124 -11.83 26.71 -4.94
CA HIS B 124 -12.29 25.40 -4.51
C HIS B 124 -13.15 25.44 -3.24
C ACE C 1 -3.22 1.99 -15.31
O ACE C 1 -2.17 2.50 -15.70
CH3 ACE C 1 -4.11 1.27 -16.31
N ASP C 2 -3.63 2.22 -14.05
CA ASP C 2 -4.76 1.74 -13.25
C ASP C 2 -4.94 0.20 -13.43
N PRO C 3 -6.05 -0.34 -13.97
CA PRO C 3 -6.23 -1.80 -13.84
C PRO C 3 -5.14 -2.59 -14.54
N ALA C 4 -4.53 -2.02 -15.58
CA ALA C 4 -3.38 -2.67 -16.21
C ALA C 4 -2.21 -2.74 -15.24
N LEU C 5 -1.88 -1.62 -14.59
CA LEU C 5 -0.84 -1.61 -13.56
C LEU C 5 -1.16 -2.61 -12.44
N TRP C 6 -2.40 -2.60 -11.94
CA TRP C 6 -2.78 -3.51 -10.87
C TRP C 6 -2.60 -4.97 -11.28
N MET C 7 -2.96 -5.31 -12.52
CA MET C 7 -2.76 -6.68 -12.99
C MET C 7 -1.27 -7.03 -13.11
N CYS C 8 -0.45 -6.05 -13.52
CA CYS C 8 1.00 -6.26 -13.57
C CYS C 8 1.56 -6.60 -12.21
N VAL C 9 1.26 -5.76 -11.22
CA VAL C 9 1.77 -5.97 -9.87
C VAL C 9 1.27 -7.30 -9.33
N PHE C 10 -0.02 -7.60 -9.55
CA PHE C 10 -0.54 -8.89 -9.11
C PHE C 10 0.20 -10.04 -9.76
N ALA C 11 0.43 -9.95 -11.08
CA ALA C 11 1.24 -10.96 -11.76
C ALA C 11 2.63 -11.06 -11.14
N ALA C 12 3.27 -9.91 -10.90
CA ALA C 12 4.64 -9.92 -10.36
C ALA C 12 4.72 -10.61 -9.00
N ARG C 13 3.75 -10.33 -8.13
CA ARG C 13 3.78 -10.90 -6.79
C ARG C 13 3.44 -12.39 -6.81
N GLN C 14 2.55 -12.80 -7.74
CA GLN C 14 2.19 -14.20 -7.85
C GLN C 14 3.38 -15.05 -8.28
N CYS C 15 4.16 -14.55 -9.25
CA CYS C 15 5.37 -15.21 -9.66
C CYS C 15 6.32 -15.36 -8.47
N TYR C 16 6.58 -14.25 -7.77
CA TYR C 16 7.52 -14.31 -6.66
C TYR C 16 7.08 -15.33 -5.62
N GLU C 17 5.76 -15.46 -5.42
CA GLU C 17 5.28 -16.28 -4.32
C GLU C 17 5.50 -17.76 -4.57
N SER C 18 5.61 -18.16 -5.83
CA SER C 18 5.96 -19.54 -6.17
C SER C 18 7.45 -19.65 -6.49
C ACE D 1 10.97 -11.56 1.10
O ACE D 1 11.69 -12.54 0.87
CH3 ACE D 1 9.47 -11.68 1.24
N ASP D 2 11.51 -10.35 1.20
CA ASP D 2 10.63 -9.22 1.45
C ASP D 2 11.27 -8.03 0.75
N PRO D 3 12.57 -7.76 0.98
CA PRO D 3 13.28 -6.88 0.03
C PRO D 3 13.26 -7.43 -1.38
N ALA D 4 13.24 -8.75 -1.52
CA ALA D 4 13.12 -9.36 -2.85
C ALA D 4 11.76 -9.09 -3.45
N LEU D 5 10.70 -9.33 -2.67
CA LEU D 5 9.35 -9.03 -3.13
C LEU D 5 9.22 -7.57 -3.56
N TRP D 6 9.69 -6.64 -2.72
CA TRP D 6 9.57 -5.23 -3.08
C TRP D 6 10.30 -4.91 -4.38
N MET D 7 11.47 -5.50 -4.61
CA MET D 7 12.22 -5.11 -5.80
C MET D 7 11.59 -5.70 -7.05
N CYS D 8 10.97 -6.88 -6.92
CA CYS D 8 10.17 -7.43 -8.00
C CYS D 8 9.03 -6.49 -8.38
N VAL D 9 8.37 -5.91 -7.37
CA VAL D 9 7.27 -4.98 -7.63
C VAL D 9 7.80 -3.72 -8.30
N PHE D 10 8.89 -3.15 -7.78
CA PHE D 10 9.49 -1.98 -8.41
C PHE D 10 9.86 -2.27 -9.86
N ALA D 11 10.32 -3.48 -10.14
CA ALA D 11 10.70 -3.85 -11.51
C ALA D 11 9.48 -3.92 -12.42
N ALA D 12 8.45 -4.64 -11.98
CA ALA D 12 7.25 -4.78 -12.80
C ALA D 12 6.64 -3.43 -13.13
N ARG D 13 6.65 -2.52 -12.16
CA ARG D 13 6.05 -1.21 -12.33
C ARG D 13 6.87 -0.33 -13.27
N GLN D 14 8.19 -0.38 -13.13
CA GLN D 14 9.10 0.41 -13.96
C GLN D 14 8.98 0.02 -15.42
N CYS D 15 8.81 -1.28 -15.66
CA CYS D 15 8.68 -1.79 -17.03
C CYS D 15 7.34 -1.37 -17.61
N TYR D 16 6.33 -1.28 -16.77
CA TYR D 16 4.99 -0.88 -17.20
C TYR D 16 4.96 0.58 -17.61
N GLU D 17 5.87 1.39 -17.06
CA GLU D 17 5.92 2.80 -17.40
C GLU D 17 6.76 3.05 -18.65
N SER D 18 7.74 2.17 -18.88
CA SER D 18 8.61 2.29 -20.04
C SER D 18 7.81 2.29 -21.34
C1 EDO E . -19.37 0.25 -18.31
O1 EDO E . -20.58 -0.44 -18.62
C2 EDO E . -19.71 1.70 -18.00
O2 EDO E . -20.74 1.70 -17.01
C1 EDO F . -24.31 0.47 -1.90
O1 EDO F . -24.67 -0.88 -1.56
C2 EDO F . -24.94 1.47 -0.92
O2 EDO F . -24.49 2.83 -1.16
C1 EDO G . -6.36 7.03 0.39
O1 EDO G . -5.94 6.22 1.51
C2 EDO G . -7.69 6.53 -0.18
O2 EDO G . -8.18 5.45 0.63
C1 EDO H . -21.16 -14.94 -2.72
O1 EDO H . -22.55 -14.92 -2.44
C2 EDO H . -20.82 -16.08 -3.67
O2 EDO H . -21.78 -16.09 -4.73
C1 EDO I . -2.36 6.07 6.48
O1 EDO I . -1.28 6.26 7.40
C2 EDO I . -2.56 4.60 6.12
O2 EDO I . -3.81 4.41 5.42
C1 EDO J . 1.43 2.09 9.41
O1 EDO J . 2.78 2.00 8.97
C2 EDO J . 0.54 1.51 8.33
O2 EDO J . 1.00 0.19 8.01
C1 EDO K . 24.26 -4.51 10.59
O1 EDO K . 23.39 -5.20 11.50
C2 EDO K . 24.84 -5.49 9.57
O2 EDO K . 23.77 -6.12 8.86
C1 EDO L . -5.03 10.02 -5.23
O1 EDO L . -5.76 8.86 -5.64
C2 EDO L . -5.25 10.24 -3.73
O2 EDO L . -4.55 11.42 -3.33
C1 EDO M . 4.16 -4.61 9.30
O1 EDO M . 2.81 -5.03 9.59
C2 EDO M . 4.73 -3.70 10.40
O2 EDO M . 4.46 -2.32 10.12
CA WHL N . 3.97 -9.69 -15.51
CB WHL N . 4.43 -10.92 -15.08
NB WHL N . 6.06 -12.37 -14.08
OB WHL N . 2.17 -8.06 -16.54
CG WHL N . 2.93 -7.16 -16.45
CD WHL N . 6.46 -9.91 -14.29
CE WHL N . 6.00 -8.66 -14.73
CH WHL N . 2.49 -5.82 -17.02
CC WHL N . 5.66 -11.02 -14.47
CF WHL N . 4.74 -8.56 -15.32
CJ WHL N . 6.98 -12.72 -13.01
CK WHL N . 7.24 -14.21 -12.83
NA WHL N . 4.24 -7.28 -15.83
OA WHL N . 7.50 -11.91 -12.33
CA WHL O . 11.48 -8.74 -12.51
CB WHL O . 11.70 -8.00 -13.67
NB WHL O . 10.79 -6.75 -15.65
OB WHL O . 11.91 -9.95 -10.08
CG WHL O . 10.76 -10.22 -9.94
CD WHL O . 9.34 -7.80 -13.99
CE WHL O . 9.11 -8.53 -12.84
CH WHL O . 10.24 -11.03 -8.75
CC WHL O . 10.62 -7.52 -14.42
CF WHL O . 10.17 -9.00 -12.09
CJ WHL O . 9.68 -6.35 -16.55
CK WHL O . 9.99 -5.55 -17.82
NA WHL O . 9.78 -9.77 -10.92
OA WHL O . 8.55 -6.63 -16.34
C1 EDO P . 1.68 2.51 -20.91
O1 EDO P . 2.50 2.99 -21.98
C2 EDO P . 1.84 3.39 -19.69
O2 EDO P . 0.91 4.49 -19.73
#